data_1FOB
#
_entry.id   1FOB
#
_cell.length_a   59.700
_cell.length_b   87.980
_cell.length_c   128.200
_cell.angle_alpha   90.00
_cell.angle_beta   90.00
_cell.angle_gamma   90.00
#
_symmetry.space_group_name_H-M   'I 2 2 2'
#
loop_
_entity.id
_entity.type
_entity.pdbx_description
1 polymer BETA-1,4-GALACTANASE
2 non-polymer 'CALCIUM ION'
3 water water
#
_entity_poly.entity_id   1
_entity_poly.type   'polypeptide(L)'
_entity_poly.pdbx_seq_one_letter_code
;ALTYRGADISSLLLLEDEGYSYKNLNGQTQALETILADAGINSIRQRVWVNPSDGSYDLDYNLELAKRVKAAGMSLYLDL
HLSDTWADPSDQTTPSGWSTTDLGTLKWQLYNYTLEVCNTFAENDIDIEIISIGNEIRAGLLWPLGETSSYSNIGALLHS
GAWGVKDSNLATTPKIMIHLDDGWSWDQQNYFYETVLATGELLSTDFDYFGVSYYPFYSASATLASLKTSLANLQSTYDK
PVVVVETNWPVSCPNPAYAFPSDLSSIPFSVAGQQEFLEKLAAVVEATTDGLGVYYWEPAWIGNAGLGSSCADNLMVDYT
TDEVYESIETLGEL
;
_entity_poly.pdbx_strand_id   A
#
# COMPACT_ATOMS: atom_id res chain seq x y z
N ALA A 1 2.41 -2.85 -20.57
CA ALA A 1 1.77 -3.02 -19.23
C ALA A 1 2.67 -2.42 -18.16
N LEU A 2 2.09 -2.03 -17.03
CA LEU A 2 2.87 -1.44 -15.95
C LEU A 2 3.76 -2.49 -15.31
N THR A 3 4.84 -2.04 -14.67
CA THR A 3 5.76 -2.95 -14.02
C THR A 3 5.03 -3.75 -12.95
N TYR A 4 4.10 -3.08 -12.27
CA TYR A 4 3.32 -3.74 -11.21
C TYR A 4 1.83 -3.48 -11.39
N ARG A 5 1.04 -4.55 -11.35
CA ARG A 5 -0.42 -4.48 -11.42
C ARG A 5 -0.78 -5.28 -10.18
N GLY A 6 -1.00 -4.59 -9.07
CA GLY A 6 -1.27 -5.32 -7.85
C GLY A 6 -2.58 -5.08 -7.15
N ALA A 7 -2.71 -5.79 -6.04
CA ALA A 7 -3.88 -5.71 -5.18
C ALA A 7 -3.44 -5.99 -3.76
N ASP A 8 -4.08 -5.33 -2.81
CA ASP A 8 -3.80 -5.55 -1.39
C ASP A 8 -4.96 -6.42 -0.92
N ILE A 9 -4.69 -7.70 -0.70
CA ILE A 9 -5.73 -8.62 -0.26
C ILE A 9 -5.43 -9.12 1.15
N SER A 10 -4.87 -8.24 1.97
CA SER A 10 -4.52 -8.58 3.35
C SER A 10 -5.64 -9.29 4.11
N SER A 11 -6.88 -8.90 3.86
CA SER A 11 -8.02 -9.50 4.54
C SER A 11 -8.31 -10.95 4.16
N LEU A 12 -7.72 -11.44 3.08
CA LEU A 12 -8.00 -12.78 2.60
C LEU A 12 -8.14 -13.88 3.66
N LEU A 13 -7.08 -14.13 4.42
CA LEU A 13 -7.13 -15.19 5.42
C LEU A 13 -8.26 -14.99 6.42
N LEU A 14 -8.60 -13.74 6.71
CA LEU A 14 -9.69 -13.47 7.65
C LEU A 14 -11.05 -13.85 7.06
N LEU A 15 -11.20 -13.63 5.76
CA LEU A 15 -12.45 -13.94 5.09
C LEU A 15 -12.56 -15.46 4.86
N GLU A 16 -11.51 -16.07 4.35
CA GLU A 16 -11.52 -17.52 4.13
C GLU A 16 -11.87 -18.20 5.43
N ASP A 17 -11.25 -17.76 6.52
CA ASP A 17 -11.52 -18.34 7.84
C ASP A 17 -12.99 -18.21 8.20
N GLU A 18 -13.61 -17.09 7.84
CA GLU A 18 -15.02 -16.87 8.12
C GLU A 18 -15.90 -17.63 7.15
N GLY A 19 -15.29 -18.54 6.39
CA GLY A 19 -16.04 -19.33 5.44
C GLY A 19 -16.13 -18.80 4.02
N TYR A 20 -15.54 -17.64 3.75
CA TYR A 20 -15.59 -17.06 2.42
C TYR A 20 -14.74 -17.77 1.37
N SER A 21 -15.22 -17.73 0.13
CA SER A 21 -14.55 -18.33 -1.02
C SER A 21 -14.95 -17.52 -2.24
N TYR A 22 -14.13 -17.53 -3.28
CA TYR A 22 -14.41 -16.77 -4.48
C TYR A 22 -14.51 -17.63 -5.73
N LYS A 23 -15.06 -17.04 -6.79
CA LYS A 23 -15.23 -17.71 -8.08
C LYS A 23 -14.70 -16.87 -9.23
N ASN A 24 -13.99 -17.52 -10.15
CA ASN A 24 -13.44 -16.84 -11.31
C ASN A 24 -14.59 -16.38 -12.21
N LEU A 25 -14.24 -15.77 -13.35
CA LEU A 25 -15.25 -15.28 -14.28
C LEU A 25 -16.09 -16.40 -14.92
N ASN A 26 -15.72 -17.65 -14.67
CA ASN A 26 -16.48 -18.79 -15.22
C ASN A 26 -17.38 -19.37 -14.15
N GLY A 27 -17.44 -18.74 -12.98
CA GLY A 27 -18.28 -19.23 -11.91
C GLY A 27 -17.69 -20.46 -11.25
N GLN A 28 -16.39 -20.70 -11.45
CA GLN A 28 -15.73 -21.85 -10.84
C GLN A 28 -15.03 -21.38 -9.55
N THR A 29 -15.36 -21.99 -8.42
CA THR A 29 -14.72 -21.62 -7.16
C THR A 29 -13.22 -21.79 -7.34
N GLN A 30 -12.43 -20.96 -6.68
CA GLN A 30 -10.98 -21.05 -6.83
C GLN A 30 -10.24 -20.06 -5.92
N ALA A 31 -9.09 -20.47 -5.40
CA ALA A 31 -8.31 -19.61 -4.51
C ALA A 31 -8.12 -18.23 -5.13
N LEU A 32 -8.49 -17.19 -4.38
CA LEU A 32 -8.39 -15.81 -4.86
C LEU A 32 -7.05 -15.43 -5.49
N GLU A 33 -5.94 -15.82 -4.86
CA GLU A 33 -4.64 -15.49 -5.39
C GLU A 33 -4.44 -16.09 -6.79
N THR A 34 -4.99 -17.28 -7.03
CA THR A 34 -4.82 -17.90 -8.33
C THR A 34 -5.75 -17.24 -9.35
N ILE A 35 -6.90 -16.76 -8.88
CA ILE A 35 -7.85 -16.07 -9.75
C ILE A 35 -7.21 -14.77 -10.23
N LEU A 36 -6.54 -14.09 -9.31
CA LEU A 36 -5.88 -12.83 -9.62
C LEU A 36 -4.67 -13.03 -10.50
N ALA A 37 -3.86 -14.02 -10.17
CA ALA A 37 -2.65 -14.31 -10.93
C ALA A 37 -2.99 -14.54 -12.40
N ASP A 38 -3.99 -15.38 -12.66
CA ASP A 38 -4.39 -15.71 -14.02
C ASP A 38 -4.95 -14.50 -14.75
N ALA A 39 -5.45 -13.52 -14.00
CA ALA A 39 -6.02 -12.33 -14.58
C ALA A 39 -4.96 -11.32 -14.95
N GLY A 40 -3.73 -11.54 -14.51
CA GLY A 40 -2.66 -10.61 -14.85
C GLY A 40 -2.04 -9.88 -13.67
N ILE A 41 -2.67 -9.96 -12.51
CA ILE A 41 -2.14 -9.32 -11.31
C ILE A 41 -0.78 -9.98 -11.07
N ASN A 42 0.28 -9.20 -10.90
CA ASN A 42 1.59 -9.78 -10.69
C ASN A 42 2.26 -9.40 -9.38
N SER A 43 1.52 -8.73 -8.50
CA SER A 43 2.07 -8.34 -7.21
C SER A 43 0.98 -8.21 -6.15
N ILE A 44 1.29 -8.62 -4.93
CA ILE A 44 0.34 -8.55 -3.83
C ILE A 44 0.93 -7.75 -2.65
N ARG A 45 0.15 -6.79 -2.16
CA ARG A 45 0.54 -5.93 -1.05
C ARG A 45 -0.11 -6.49 0.22
N GLN A 46 0.66 -6.58 1.30
CA GLN A 46 0.14 -7.10 2.56
C GLN A 46 0.47 -6.18 3.73
N ARG A 47 -0.53 -5.81 4.52
CA ARG A 47 -0.28 -4.93 5.65
C ARG A 47 0.24 -5.75 6.83
N VAL A 48 1.29 -5.27 7.46
CA VAL A 48 1.90 -5.96 8.59
C VAL A 48 1.84 -5.16 9.89
N TRP A 49 1.24 -5.74 10.92
CA TRP A 49 1.14 -5.12 12.23
C TRP A 49 2.12 -5.82 13.17
N VAL A 50 2.65 -5.08 14.14
CA VAL A 50 3.64 -5.63 15.06
C VAL A 50 3.13 -6.60 16.12
N ASN A 51 2.34 -6.11 17.07
CA ASN A 51 1.81 -7.00 18.10
C ASN A 51 0.30 -6.84 18.36
N PRO A 52 -0.53 -7.11 17.34
CA PRO A 52 -1.97 -6.98 17.57
C PRO A 52 -2.42 -8.04 18.56
N SER A 53 -3.18 -7.65 19.58
CA SER A 53 -3.64 -8.59 20.59
C SER A 53 -4.36 -9.80 20.00
N ASP A 54 -5.13 -9.57 18.95
CA ASP A 54 -5.86 -10.66 18.32
C ASP A 54 -5.14 -11.32 17.15
N GLY A 55 -3.89 -10.96 16.93
CA GLY A 55 -3.09 -11.57 15.86
C GLY A 55 -3.32 -11.14 14.41
N SER A 56 -4.37 -10.35 14.18
CA SER A 56 -4.67 -9.91 12.82
C SER A 56 -3.51 -9.19 12.14
N TYR A 57 -3.15 -9.69 10.96
CA TYR A 57 -2.08 -9.12 10.15
C TYR A 57 -0.70 -9.13 10.78
N ASP A 58 -0.45 -10.02 11.74
CA ASP A 58 0.89 -10.06 12.34
C ASP A 58 1.84 -10.86 11.46
N LEU A 59 3.06 -11.10 11.92
CA LEU A 59 4.04 -11.81 11.11
C LEU A 59 3.62 -13.21 10.69
N ASP A 60 3.03 -13.98 11.59
CA ASP A 60 2.61 -15.32 11.22
C ASP A 60 1.50 -15.27 10.17
N TYR A 61 0.54 -14.37 10.38
CA TYR A 61 -0.58 -14.18 9.46
C TYR A 61 -0.02 -13.90 8.07
N ASN A 62 0.92 -12.97 8.00
CA ASN A 62 1.52 -12.61 6.73
C ASN A 62 2.37 -13.71 6.10
N LEU A 63 2.96 -14.57 6.93
CA LEU A 63 3.77 -15.66 6.37
C LEU A 63 2.86 -16.64 5.63
N GLU A 64 1.73 -16.96 6.23
CA GLU A 64 0.76 -17.88 5.64
C GLU A 64 0.26 -17.32 4.31
N LEU A 65 -0.05 -16.03 4.30
CA LEU A 65 -0.56 -15.39 3.09
C LEU A 65 0.52 -15.24 2.02
N ALA A 66 1.74 -14.93 2.43
CA ALA A 66 2.84 -14.75 1.48
C ALA A 66 3.22 -16.07 0.81
N LYS A 67 3.10 -17.16 1.54
CA LYS A 67 3.42 -18.48 1.00
C LYS A 67 2.59 -18.75 -0.24
N ARG A 68 1.30 -18.45 -0.15
CA ARG A 68 0.39 -18.64 -1.26
C ARG A 68 0.62 -17.66 -2.40
N VAL A 69 1.08 -16.46 -2.07
CA VAL A 69 1.36 -15.45 -3.07
C VAL A 69 2.56 -15.88 -3.92
N LYS A 70 3.58 -16.39 -3.26
CA LYS A 70 4.79 -16.86 -3.92
C LYS A 70 4.43 -18.03 -4.85
N ALA A 71 3.61 -18.93 -4.33
CA ALA A 71 3.18 -20.12 -5.07
C ALA A 71 2.50 -19.73 -6.38
N ALA A 72 1.63 -18.72 -6.31
CA ALA A 72 0.90 -18.24 -7.48
C ALA A 72 1.79 -17.41 -8.42
N GLY A 73 3.06 -17.30 -8.08
CA GLY A 73 4.00 -16.57 -8.92
C GLY A 73 3.88 -15.06 -8.96
N MET A 74 3.46 -14.46 -7.85
CA MET A 74 3.33 -13.01 -7.79
C MET A 74 4.39 -12.48 -6.82
N SER A 75 4.80 -11.23 -6.98
CA SER A 75 5.80 -10.66 -6.08
C SER A 75 5.12 -10.25 -4.78
N LEU A 76 5.92 -9.89 -3.79
CA LEU A 76 5.38 -9.51 -2.48
C LEU A 76 5.82 -8.11 -2.09
N TYR A 77 4.85 -7.32 -1.64
CA TYR A 77 5.08 -5.94 -1.18
C TYR A 77 4.55 -5.93 0.24
N LEU A 78 5.46 -5.80 1.20
CA LEU A 78 5.08 -5.76 2.61
C LEU A 78 4.91 -4.31 3.05
N ASP A 79 3.71 -4.00 3.54
CA ASP A 79 3.36 -2.67 4.02
C ASP A 79 3.45 -2.66 5.54
N LEU A 80 4.61 -2.28 6.06
CA LEU A 80 4.81 -2.25 7.51
C LEU A 80 4.14 -1.04 8.11
N HIS A 81 3.12 -1.26 8.94
CA HIS A 81 2.45 -0.14 9.59
C HIS A 81 3.22 0.33 10.82
N LEU A 82 4.17 -0.47 11.29
CA LEU A 82 4.98 -0.13 12.46
C LEU A 82 4.09 0.35 13.59
N SER A 83 3.08 -0.47 13.88
CA SER A 83 2.10 -0.22 14.91
C SER A 83 1.36 -1.53 15.14
N ASP A 84 0.60 -1.61 16.23
CA ASP A 84 -0.15 -2.81 16.52
C ASP A 84 -1.51 -2.74 15.86
N THR A 85 -1.80 -1.61 15.21
CA THR A 85 -3.07 -1.41 14.54
C THR A 85 -2.91 -0.45 13.35
N TRP A 86 -4.04 -0.06 12.74
CA TRP A 86 -4.01 0.83 11.58
C TRP A 86 -3.15 2.08 11.77
N ALA A 87 -2.23 2.31 10.84
CA ALA A 87 -1.40 3.49 10.91
C ALA A 87 -1.73 4.41 9.73
N ASP A 88 -1.92 5.70 10.02
CA ASP A 88 -2.21 6.70 8.99
C ASP A 88 -1.89 8.09 9.57
N PRO A 89 -2.12 9.16 8.79
CA PRO A 89 -1.82 10.51 9.27
C PRO A 89 -2.48 10.94 10.57
N SER A 90 -3.57 10.29 10.96
CA SER A 90 -4.24 10.67 12.19
C SER A 90 -3.92 9.72 13.34
N ASP A 91 -3.20 8.63 13.05
CA ASP A 91 -2.81 7.68 14.09
C ASP A 91 -1.57 6.86 13.74
N GLN A 92 -0.49 7.11 14.46
CA GLN A 92 0.77 6.38 14.29
C GLN A 92 1.17 5.89 15.68
N THR A 93 0.36 5.01 16.25
CA THR A 93 0.62 4.50 17.59
C THR A 93 1.79 3.53 17.62
N THR A 94 2.79 3.86 18.41
CA THR A 94 3.97 3.03 18.54
C THR A 94 3.58 1.65 19.09
N PRO A 95 4.17 0.58 18.56
CA PRO A 95 3.85 -0.77 19.04
C PRO A 95 3.94 -0.89 20.56
N SER A 96 3.05 -1.66 21.16
CA SER A 96 3.10 -1.87 22.59
C SER A 96 4.40 -2.62 22.83
N GLY A 97 5.17 -2.20 23.82
CA GLY A 97 6.44 -2.87 24.08
C GLY A 97 7.60 -2.11 23.48
N TRP A 98 7.34 -1.24 22.51
CA TRP A 98 8.40 -0.43 21.91
C TRP A 98 8.44 0.90 22.70
N SER A 99 9.55 1.63 22.61
CA SER A 99 9.73 2.87 23.37
C SER A 99 9.03 4.14 22.90
N THR A 100 8.46 4.86 23.85
CA THR A 100 7.80 6.14 23.60
C THR A 100 8.55 7.16 24.45
N THR A 101 9.76 6.78 24.89
CA THR A 101 10.57 7.63 25.75
C THR A 101 12.07 7.71 25.44
N ASP A 102 12.58 6.87 24.55
CA ASP A 102 14.02 6.88 24.23
C ASP A 102 14.27 6.59 22.76
N LEU A 103 14.74 7.58 22.02
CA LEU A 103 14.98 7.37 20.60
C LEU A 103 16.03 6.31 20.33
N GLY A 104 17.04 6.24 21.20
CA GLY A 104 18.08 5.24 21.03
C GLY A 104 17.50 3.86 21.09
N THR A 105 16.66 3.61 22.08
CA THR A 105 16.02 2.32 22.24
C THR A 105 15.07 2.06 21.08
N LEU A 106 14.31 3.08 20.71
CA LEU A 106 13.35 2.94 19.61
C LEU A 106 14.01 2.63 18.27
N LYS A 107 15.09 3.34 17.95
CA LYS A 107 15.79 3.10 16.70
C LYS A 107 16.27 1.65 16.66
N TRP A 108 16.68 1.12 17.80
CA TRP A 108 17.16 -0.25 17.87
C TRP A 108 16.03 -1.26 17.68
N GLN A 109 14.88 -0.99 18.27
CA GLN A 109 13.74 -1.88 18.17
C GLN A 109 13.21 -1.93 16.74
N LEU A 110 13.21 -0.79 16.06
CA LEU A 110 12.74 -0.73 14.68
C LEU A 110 13.72 -1.45 13.76
N TYR A 111 15.01 -1.23 13.97
CA TYR A 111 16.05 -1.89 13.16
C TYR A 111 15.94 -3.39 13.36
N ASN A 112 15.87 -3.81 14.63
CA ASN A 112 15.75 -5.22 14.96
C ASN A 112 14.46 -5.80 14.35
N TYR A 113 13.40 -5.00 14.34
CA TYR A 113 12.13 -5.44 13.80
C TYR A 113 12.19 -5.74 12.31
N THR A 114 12.61 -4.75 11.51
CA THR A 114 12.68 -4.98 10.08
C THR A 114 13.67 -6.11 9.75
N LEU A 115 14.78 -6.15 10.49
CA LEU A 115 15.77 -7.19 10.29
C LEU A 115 15.11 -8.55 10.53
N GLU A 116 14.39 -8.67 11.63
CA GLU A 116 13.70 -9.90 11.99
C GLU A 116 12.62 -10.28 10.97
N VAL A 117 11.83 -9.30 10.54
CA VAL A 117 10.77 -9.55 9.56
C VAL A 117 11.35 -10.14 8.28
N CYS A 118 12.40 -9.49 7.78
CA CYS A 118 13.04 -9.95 6.56
C CYS A 118 13.67 -11.34 6.78
N ASN A 119 14.36 -11.52 7.91
CA ASN A 119 14.97 -12.83 8.19
C ASN A 119 13.96 -13.96 8.26
N THR A 120 12.78 -13.69 8.82
CA THR A 120 11.77 -14.74 8.93
C THR A 120 11.27 -15.17 7.56
N PHE A 121 11.13 -14.23 6.63
CA PHE A 121 10.69 -14.59 5.29
C PHE A 121 11.80 -15.39 4.61
N ALA A 122 13.04 -14.97 4.83
CA ALA A 122 14.18 -15.68 4.25
C ALA A 122 14.21 -17.12 4.77
N GLU A 123 13.87 -17.32 6.05
CA GLU A 123 13.86 -18.66 6.61
C GLU A 123 12.74 -19.49 6.01
N ASN A 124 11.76 -18.82 5.41
CA ASN A 124 10.64 -19.49 4.78
C ASN A 124 10.78 -19.47 3.26
N ASP A 125 11.96 -19.10 2.78
CA ASP A 125 12.22 -19.05 1.35
C ASP A 125 11.21 -18.21 0.57
N ILE A 126 10.96 -17.00 1.05
CA ILE A 126 10.05 -16.07 0.38
C ILE A 126 10.79 -14.76 0.13
N ASP A 127 10.87 -14.35 -1.13
CA ASP A 127 11.56 -13.12 -1.52
C ASP A 127 10.59 -11.95 -1.38
N ILE A 128 11.11 -10.79 -1.02
CA ILE A 128 10.29 -9.60 -0.86
C ILE A 128 10.67 -8.60 -1.94
N GLU A 129 9.69 -8.16 -2.72
CA GLU A 129 9.92 -7.20 -3.80
C GLU A 129 9.97 -5.77 -3.28
N ILE A 130 9.02 -5.43 -2.41
CA ILE A 130 8.96 -4.08 -1.87
C ILE A 130 8.61 -4.12 -0.39
N ILE A 131 9.17 -3.20 0.37
CA ILE A 131 8.83 -3.12 1.78
C ILE A 131 8.85 -1.64 2.16
N SER A 132 7.72 -1.17 2.67
CA SER A 132 7.63 0.23 3.05
C SER A 132 7.86 0.38 4.55
N ILE A 133 8.66 1.37 4.92
CA ILE A 133 8.95 1.61 6.31
C ILE A 133 7.83 2.54 6.80
N GLY A 134 6.70 1.94 7.16
CA GLY A 134 5.58 2.73 7.62
C GLY A 134 4.49 2.83 6.57
N ASN A 135 3.32 3.28 6.98
CA ASN A 135 2.19 3.44 6.08
C ASN A 135 1.66 4.87 6.23
N GLU A 136 1.62 5.59 5.11
CA GLU A 136 1.15 6.97 5.08
C GLU A 136 1.76 7.78 6.22
N ILE A 137 3.08 7.90 6.22
CA ILE A 137 3.76 8.63 7.30
C ILE A 137 3.96 10.14 7.06
N ARG A 138 3.01 10.77 6.39
CA ARG A 138 3.10 12.21 6.13
C ARG A 138 3.12 12.99 7.45
N ALA A 139 2.43 12.47 8.46
CA ALA A 139 2.40 13.12 9.76
C ALA A 139 3.37 12.40 10.70
N GLY A 140 4.38 11.78 10.11
CA GLY A 140 5.38 11.08 10.89
C GLY A 140 4.99 9.64 11.20
N LEU A 141 5.67 9.05 12.16
CA LEU A 141 5.42 7.67 12.57
C LEU A 141 5.92 7.46 14.00
N LEU A 142 5.58 6.32 14.58
CA LEU A 142 6.04 5.97 15.92
C LEU A 142 5.97 7.15 16.88
N TRP A 143 4.77 7.69 17.06
CA TRP A 143 4.57 8.81 17.96
C TRP A 143 4.80 8.37 19.40
N PRO A 144 5.22 9.29 20.28
CA PRO A 144 5.50 10.71 20.02
C PRO A 144 6.87 11.04 19.42
N LEU A 145 7.85 10.15 19.61
CA LEU A 145 9.19 10.43 19.11
C LEU A 145 9.27 10.77 17.62
N GLY A 146 8.37 10.18 16.83
CA GLY A 146 8.38 10.44 15.41
C GLY A 146 7.34 11.42 14.91
N GLU A 147 6.91 12.36 15.77
CA GLU A 147 5.93 13.37 15.36
C GLU A 147 6.66 14.38 14.48
N THR A 148 5.90 15.16 13.70
CA THR A 148 6.50 16.14 12.80
C THR A 148 7.14 17.31 13.51
N SER A 149 7.12 17.32 14.84
CA SER A 149 7.79 18.38 15.58
C SER A 149 9.29 18.06 15.55
N SER A 150 9.62 16.87 15.03
CA SER A 150 11.01 16.45 14.91
C SER A 150 11.24 15.62 13.63
N TYR A 151 11.44 16.31 12.51
CA TYR A 151 11.70 15.61 11.26
C TYR A 151 13.04 14.90 11.36
N SER A 152 13.85 15.32 12.33
CA SER A 152 15.16 14.70 12.55
C SER A 152 14.94 13.28 13.08
N ASN A 153 14.06 13.14 14.07
CA ASN A 153 13.77 11.83 14.63
C ASN A 153 13.14 10.93 13.57
N ILE A 154 12.26 11.52 12.76
CA ILE A 154 11.60 10.77 11.70
C ILE A 154 12.65 10.22 10.74
N GLY A 155 13.59 11.10 10.38
CA GLY A 155 14.65 10.70 9.47
C GLY A 155 15.53 9.62 10.06
N ALA A 156 15.87 9.76 11.34
CA ALA A 156 16.71 8.78 12.02
C ALA A 156 16.02 7.43 12.12
N LEU A 157 14.71 7.44 12.32
CA LEU A 157 13.94 6.21 12.41
C LEU A 157 13.88 5.50 11.06
N LEU A 158 13.61 6.27 10.01
CA LEU A 158 13.51 5.68 8.67
C LEU A 158 14.87 5.07 8.31
N HIS A 159 15.94 5.78 8.65
CA HIS A 159 17.31 5.32 8.40
C HIS A 159 17.50 3.96 9.08
N SER A 160 17.12 3.88 10.36
CA SER A 160 17.24 2.65 11.12
C SER A 160 16.44 1.50 10.53
N GLY A 161 15.19 1.77 10.14
CA GLY A 161 14.36 0.73 9.56
C GLY A 161 14.96 0.26 8.24
N ALA A 162 15.36 1.22 7.41
CA ALA A 162 15.94 0.91 6.13
C ALA A 162 17.12 -0.05 6.28
N TRP A 163 18.03 0.26 7.19
CA TRP A 163 19.19 -0.60 7.39
C TRP A 163 18.92 -1.95 8.01
N GLY A 164 17.80 -2.07 8.71
CA GLY A 164 17.46 -3.37 9.28
C GLY A 164 17.21 -4.27 8.08
N VAL A 165 16.59 -3.71 7.04
CA VAL A 165 16.31 -4.46 5.83
C VAL A 165 17.61 -4.75 5.07
N LYS A 166 18.40 -3.71 4.83
CA LYS A 166 19.65 -3.85 4.12
C LYS A 166 20.57 -4.88 4.78
N ASP A 167 20.50 -5.00 6.10
CA ASP A 167 21.34 -5.95 6.83
C ASP A 167 20.79 -7.37 6.96
N SER A 168 19.59 -7.60 6.44
CA SER A 168 18.97 -8.91 6.54
C SER A 168 19.57 -9.98 5.65
N ASN A 169 19.16 -11.22 5.90
CA ASN A 169 19.63 -12.39 5.17
C ASN A 169 18.88 -12.65 3.87
N LEU A 170 17.98 -11.76 3.48
CA LEU A 170 17.25 -11.94 2.23
C LEU A 170 18.25 -11.84 1.08
N ALA A 171 18.44 -12.95 0.36
CA ALA A 171 19.38 -13.00 -0.76
C ALA A 171 19.45 -11.67 -1.52
N THR A 172 18.29 -11.18 -1.96
CA THR A 172 18.22 -9.90 -2.67
C THR A 172 17.54 -8.90 -1.76
N THR A 173 18.11 -7.72 -1.61
CA THR A 173 17.53 -6.70 -0.75
C THR A 173 16.24 -6.15 -1.38
N PRO A 174 15.13 -6.20 -0.64
CA PRO A 174 13.88 -5.68 -1.20
C PRO A 174 13.98 -4.20 -1.51
N LYS A 175 13.11 -3.71 -2.37
CA LYS A 175 13.10 -2.29 -2.69
C LYS A 175 12.52 -1.62 -1.46
N ILE A 176 13.21 -0.61 -0.95
CA ILE A 176 12.76 0.10 0.24
C ILE A 176 11.90 1.29 -0.17
N MET A 177 10.68 1.35 0.36
CA MET A 177 9.74 2.40 0.03
C MET A 177 9.31 3.29 1.20
N ILE A 178 9.01 4.55 0.87
CA ILE A 178 8.49 5.51 1.84
C ILE A 178 7.13 5.84 1.21
N HIS A 179 6.08 5.67 2.01
CA HIS A 179 4.70 5.86 1.54
C HIS A 179 3.95 7.01 2.23
N LEU A 180 3.46 7.95 1.43
CA LEU A 180 2.68 9.08 1.93
C LEU A 180 1.28 9.07 1.32
N ASP A 181 0.32 9.64 2.03
CA ASP A 181 -1.05 9.70 1.53
C ASP A 181 -1.15 10.96 0.67
N ASP A 182 -2.34 11.23 0.15
CA ASP A 182 -2.58 12.39 -0.70
C ASP A 182 -1.52 12.53 -1.80
N GLY A 183 -1.42 11.52 -2.64
CA GLY A 183 -0.45 11.55 -3.72
C GLY A 183 -0.67 12.65 -4.74
N TRP A 184 -1.88 13.20 -4.77
CA TRP A 184 -2.20 14.26 -5.72
C TRP A 184 -1.64 15.61 -5.32
N SER A 185 -1.20 15.73 -4.07
CA SER A 185 -0.67 16.99 -3.58
C SER A 185 0.85 17.13 -3.61
N TRP A 186 1.37 17.77 -4.66
CA TRP A 186 2.80 17.96 -4.79
C TRP A 186 3.41 18.73 -3.61
N ASP A 187 2.69 19.72 -3.11
CA ASP A 187 3.21 20.50 -1.99
C ASP A 187 3.45 19.62 -0.76
N GLN A 188 2.50 18.76 -0.44
CA GLN A 188 2.63 17.90 0.72
C GLN A 188 3.73 16.86 0.54
N GLN A 189 3.79 16.25 -0.64
CA GLN A 189 4.81 15.24 -0.93
C GLN A 189 6.20 15.85 -0.78
N ASN A 190 6.41 16.96 -1.48
CA ASN A 190 7.69 17.64 -1.49
C ASN A 190 8.13 18.16 -0.13
N TYR A 191 7.21 18.71 0.64
CA TYR A 191 7.57 19.23 1.94
C TYR A 191 8.12 18.14 2.86
N PHE A 192 7.46 16.99 2.85
CA PHE A 192 7.91 15.89 3.68
C PHE A 192 9.33 15.48 3.34
N TYR A 193 9.58 15.15 2.08
CA TYR A 193 10.90 14.72 1.66
C TYR A 193 11.98 15.79 1.78
N GLU A 194 11.68 17.01 1.34
CA GLU A 194 12.70 18.06 1.44
C GLU A 194 13.09 18.30 2.88
N THR A 195 12.08 18.41 3.74
CA THR A 195 12.33 18.66 5.16
C THR A 195 13.09 17.51 5.85
N VAL A 196 12.65 16.27 5.62
CA VAL A 196 13.30 15.14 6.24
C VAL A 196 14.74 14.96 5.73
N LEU A 197 14.93 15.08 4.41
CA LEU A 197 16.27 14.92 3.84
C LEU A 197 17.20 16.06 4.25
N ALA A 198 16.64 17.23 4.52
CA ALA A 198 17.44 18.38 4.92
C ALA A 198 18.18 18.16 6.25
N THR A 199 17.70 17.22 7.08
CA THR A 199 18.33 16.96 8.37
C THR A 199 19.58 16.08 8.27
N GLY A 200 19.70 15.33 7.18
CA GLY A 200 20.84 14.44 7.03
C GLY A 200 20.66 13.15 7.81
N GLU A 201 19.57 13.03 8.56
CA GLU A 201 19.33 11.80 9.33
C GLU A 201 18.89 10.69 8.40
N LEU A 202 18.24 11.07 7.31
CA LEU A 202 17.79 10.11 6.31
C LEU A 202 18.56 10.39 5.02
N LEU A 203 19.23 9.37 4.49
CA LEU A 203 20.01 9.52 3.27
C LEU A 203 19.20 9.10 2.05
N SER A 204 19.39 9.82 0.94
CA SER A 204 18.68 9.48 -0.27
C SER A 204 18.99 8.04 -0.65
N THR A 205 20.19 7.59 -0.30
CA THR A 205 20.59 6.22 -0.60
C THR A 205 19.93 5.21 0.34
N ASP A 206 19.21 5.69 1.35
CA ASP A 206 18.56 4.79 2.29
C ASP A 206 17.30 4.12 1.73
N PHE A 207 16.66 4.74 0.75
CA PHE A 207 15.46 4.13 0.17
C PHE A 207 15.42 4.16 -1.36
N ASP A 208 14.55 3.34 -1.93
CA ASP A 208 14.45 3.20 -3.38
C ASP A 208 13.20 3.74 -4.10
N TYR A 209 12.02 3.46 -3.55
CA TYR A 209 10.76 3.88 -4.16
C TYR A 209 9.93 4.89 -3.39
N PHE A 210 9.07 5.59 -4.12
CA PHE A 210 8.13 6.55 -3.55
C PHE A 210 6.77 5.88 -3.70
N GLY A 211 5.97 5.90 -2.63
CA GLY A 211 4.65 5.30 -2.72
C GLY A 211 3.62 6.33 -2.28
N VAL A 212 2.49 6.40 -2.98
CA VAL A 212 1.45 7.36 -2.60
C VAL A 212 0.07 6.73 -2.71
N SER A 213 -0.84 7.18 -1.86
CA SER A 213 -2.21 6.71 -1.88
C SER A 213 -2.94 7.68 -2.82
N TYR A 214 -3.92 7.18 -3.56
CA TYR A 214 -4.67 8.06 -4.44
C TYR A 214 -6.12 7.60 -4.49
N TYR A 215 -6.97 8.36 -3.82
CA TYR A 215 -8.39 8.07 -3.74
C TYR A 215 -9.17 9.22 -4.37
N PRO A 216 -10.34 8.93 -4.97
CA PRO A 216 -11.13 9.97 -5.61
C PRO A 216 -12.25 10.57 -4.77
N PHE A 217 -12.57 9.93 -3.64
CA PHE A 217 -13.68 10.36 -2.82
C PHE A 217 -13.43 11.01 -1.47
N TYR A 218 -12.25 11.60 -1.25
CA TYR A 218 -11.94 12.26 0.02
C TYR A 218 -11.61 13.73 -0.18
N SER A 219 -11.83 14.23 -1.40
CA SER A 219 -11.55 15.62 -1.73
C SER A 219 -11.58 15.86 -3.24
N ALA A 220 -12.31 16.90 -3.65
CA ALA A 220 -12.41 17.25 -5.06
C ALA A 220 -11.07 17.70 -5.64
N SER A 221 -10.06 17.87 -4.80
CA SER A 221 -8.74 18.31 -5.26
C SER A 221 -7.93 17.15 -5.85
N ALA A 222 -8.38 15.92 -5.62
CA ALA A 222 -7.69 14.74 -6.10
C ALA A 222 -7.88 14.47 -7.60
N THR A 223 -7.61 15.47 -8.43
CA THR A 223 -7.75 15.32 -9.88
C THR A 223 -6.56 14.54 -10.45
N LEU A 224 -6.80 13.89 -11.57
CA LEU A 224 -5.75 13.13 -12.23
C LEU A 224 -4.65 14.08 -12.68
N ALA A 225 -5.02 15.32 -12.92
CA ALA A 225 -4.08 16.35 -13.34
C ALA A 225 -3.10 16.71 -12.23
N SER A 226 -3.58 16.81 -11.00
CA SER A 226 -2.69 17.13 -9.87
C SER A 226 -1.78 15.96 -9.56
N LEU A 227 -2.31 14.75 -9.71
CA LEU A 227 -1.56 13.54 -9.46
C LEU A 227 -0.42 13.47 -10.47
N LYS A 228 -0.76 13.70 -11.73
CA LYS A 228 0.21 13.66 -12.81
C LYS A 228 1.37 14.58 -12.49
N THR A 229 1.04 15.80 -12.07
CA THR A 229 2.06 16.77 -11.71
C THR A 229 2.89 16.37 -10.51
N SER A 230 2.24 15.83 -9.49
CA SER A 230 2.92 15.41 -8.27
C SER A 230 3.87 14.24 -8.52
N LEU A 231 3.40 13.24 -9.26
CA LEU A 231 4.23 12.09 -9.58
C LEU A 231 5.40 12.52 -10.46
N ALA A 232 5.12 13.44 -11.38
CA ALA A 232 6.16 13.94 -12.30
C ALA A 232 7.27 14.63 -11.52
N ASN A 233 6.87 15.49 -10.59
CA ASN A 233 7.84 16.24 -9.79
C ASN A 233 8.63 15.38 -8.80
N LEU A 234 8.01 14.32 -8.28
CA LEU A 234 8.69 13.45 -7.33
C LEU A 234 9.90 12.81 -7.99
N GLN A 235 9.68 12.25 -9.17
CA GLN A 235 10.73 11.58 -9.93
C GLN A 235 11.82 12.57 -10.37
N SER A 236 11.40 13.72 -10.88
CA SER A 236 12.32 14.75 -11.36
C SER A 236 13.17 15.41 -10.27
N THR A 237 12.58 15.55 -9.09
CA THR A 237 13.27 16.21 -7.99
C THR A 237 14.19 15.29 -7.21
N TYR A 238 13.71 14.08 -6.91
CA TYR A 238 14.49 13.12 -6.13
C TYR A 238 15.08 11.97 -6.93
N ASP A 239 14.71 11.88 -8.20
CA ASP A 239 15.21 10.83 -9.09
C ASP A 239 14.96 9.41 -8.58
N LYS A 240 13.70 9.12 -8.24
CA LYS A 240 13.31 7.79 -7.78
C LYS A 240 11.98 7.41 -8.42
N PRO A 241 11.75 6.11 -8.65
CA PRO A 241 10.49 5.68 -9.25
C PRO A 241 9.30 5.95 -8.32
N VAL A 242 8.11 6.02 -8.90
CA VAL A 242 6.89 6.28 -8.14
C VAL A 242 5.91 5.13 -8.31
N VAL A 243 5.08 4.92 -7.29
CA VAL A 243 4.10 3.85 -7.33
C VAL A 243 2.83 4.30 -6.63
N VAL A 244 1.67 4.03 -7.23
CA VAL A 244 0.40 4.36 -6.58
C VAL A 244 0.10 3.08 -5.83
N VAL A 245 0.28 3.10 -4.52
CA VAL A 245 0.11 1.88 -3.75
C VAL A 245 -1.27 1.60 -3.17
N GLU A 246 -2.18 2.54 -3.35
CA GLU A 246 -3.55 2.38 -2.86
C GLU A 246 -4.51 3.20 -3.71
N THR A 247 -5.62 2.58 -4.11
CA THR A 247 -6.64 3.29 -4.88
C THR A 247 -7.93 2.49 -4.91
N ASN A 248 -9.05 3.18 -5.16
CA ASN A 248 -10.38 2.57 -5.21
C ASN A 248 -11.25 3.34 -6.20
N TRP A 249 -12.34 2.70 -6.63
CA TRP A 249 -13.36 3.33 -7.45
C TRP A 249 -14.63 2.53 -7.18
N PRO A 250 -15.72 3.23 -6.82
CA PRO A 250 -17.00 2.58 -6.51
C PRO A 250 -17.83 2.01 -7.64
N VAL A 251 -18.44 0.86 -7.37
CA VAL A 251 -19.33 0.25 -8.34
C VAL A 251 -20.70 0.77 -7.91
N SER A 252 -20.73 1.35 -6.71
CA SER A 252 -21.94 1.94 -6.16
C SER A 252 -21.59 3.01 -5.13
N CYS A 253 -22.07 4.24 -5.35
CA CYS A 253 -21.82 5.34 -4.43
C CYS A 253 -23.05 6.25 -4.41
N PRO A 254 -24.16 5.79 -3.79
CA PRO A 254 -25.45 6.48 -3.66
C PRO A 254 -25.33 7.95 -3.24
N ASN A 255 -24.43 8.24 -2.31
CA ASN A 255 -24.27 9.61 -1.87
C ASN A 255 -22.92 9.87 -1.24
N PRO A 256 -21.99 10.43 -2.04
CA PRO A 256 -20.63 10.74 -1.61
C PRO A 256 -20.56 11.97 -0.70
N ALA A 257 -19.77 11.89 0.36
CA ALA A 257 -19.63 13.01 1.28
C ALA A 257 -18.92 14.15 0.57
N TYR A 258 -18.08 13.81 -0.40
CA TYR A 258 -17.33 14.81 -1.15
C TYR A 258 -17.60 14.79 -2.65
N ALA A 259 -17.47 15.96 -3.28
CA ALA A 259 -17.64 16.05 -4.72
C ALA A 259 -16.43 15.38 -5.33
N PHE A 260 -16.61 14.64 -6.43
CA PHE A 260 -15.48 13.98 -7.08
C PHE A 260 -14.68 15.00 -7.90
N PRO A 261 -13.38 14.73 -8.14
CA PRO A 261 -12.53 15.64 -8.92
C PRO A 261 -13.18 15.87 -10.29
N SER A 262 -12.95 17.06 -10.85
CA SER A 262 -13.51 17.44 -12.14
C SER A 262 -13.20 16.51 -13.30
N ASP A 263 -11.94 16.08 -13.44
CA ASP A 263 -11.62 15.18 -14.54
C ASP A 263 -12.03 13.73 -14.28
N LEU A 264 -12.87 13.51 -13.27
CA LEU A 264 -13.34 12.17 -12.93
C LEU A 264 -14.86 12.14 -12.74
N SER A 265 -15.49 13.31 -12.75
CA SER A 265 -16.93 13.37 -12.53
C SER A 265 -17.82 12.79 -13.62
N SER A 266 -17.24 12.39 -14.75
CA SER A 266 -18.04 11.82 -15.82
C SER A 266 -18.11 10.30 -15.73
N ILE A 267 -17.21 9.72 -14.93
CA ILE A 267 -17.14 8.27 -14.78
C ILE A 267 -18.29 7.75 -13.94
N PRO A 268 -19.08 6.82 -14.48
CA PRO A 268 -20.21 6.28 -13.70
C PRO A 268 -19.73 5.35 -12.57
N PHE A 269 -20.62 5.12 -11.61
CA PHE A 269 -20.31 4.23 -10.50
C PHE A 269 -20.88 2.88 -10.90
N SER A 270 -20.00 2.04 -11.43
CA SER A 270 -20.37 0.71 -11.90
C SER A 270 -19.09 -0.04 -12.22
N VAL A 271 -19.21 -1.32 -12.54
CA VAL A 271 -18.04 -2.10 -12.89
C VAL A 271 -17.35 -1.43 -14.07
N ALA A 272 -18.16 -0.99 -15.02
CA ALA A 272 -17.65 -0.32 -16.21
C ALA A 272 -16.90 0.95 -15.81
N GLY A 273 -17.46 1.70 -14.87
CA GLY A 273 -16.80 2.92 -14.43
C GLY A 273 -15.49 2.61 -13.73
N GLN A 274 -15.48 1.49 -13.00
CA GLN A 274 -14.29 1.07 -12.28
C GLN A 274 -13.19 0.78 -13.31
N GLN A 275 -13.56 0.20 -14.43
CA GLN A 275 -12.60 -0.12 -15.47
C GLN A 275 -12.05 1.14 -16.13
N GLU A 276 -12.94 2.09 -16.42
CA GLU A 276 -12.54 3.34 -17.06
C GLU A 276 -11.59 4.10 -16.15
N PHE A 277 -11.90 4.15 -14.86
CA PHE A 277 -11.04 4.85 -13.92
C PHE A 277 -9.65 4.22 -13.87
N LEU A 278 -9.60 2.91 -13.72
CA LEU A 278 -8.32 2.22 -13.64
C LEU A 278 -7.47 2.46 -14.87
N GLU A 279 -8.09 2.41 -16.06
CA GLU A 279 -7.32 2.63 -17.26
C GLU A 279 -6.85 4.08 -17.33
N LYS A 280 -7.69 5.02 -16.91
CA LYS A 280 -7.28 6.42 -16.93
C LYS A 280 -6.16 6.66 -15.92
N LEU A 281 -6.22 5.99 -14.78
CA LEU A 281 -5.18 6.14 -13.76
C LEU A 281 -3.86 5.53 -14.28
N ALA A 282 -3.96 4.35 -14.87
CA ALA A 282 -2.79 3.67 -15.42
C ALA A 282 -2.12 4.53 -16.48
N ALA A 283 -2.93 5.33 -17.19
CA ALA A 283 -2.40 6.20 -18.23
C ALA A 283 -1.43 7.23 -17.64
N VAL A 284 -1.84 7.86 -16.54
CA VAL A 284 -1.01 8.85 -15.88
C VAL A 284 0.30 8.24 -15.39
N VAL A 285 0.20 7.08 -14.75
CA VAL A 285 1.39 6.42 -14.24
C VAL A 285 2.31 5.99 -15.36
N GLU A 286 1.74 5.41 -16.41
CA GLU A 286 2.52 4.97 -17.55
C GLU A 286 3.25 6.14 -18.20
N ALA A 287 2.57 7.27 -18.32
CA ALA A 287 3.18 8.43 -18.96
C ALA A 287 4.18 9.17 -18.07
N THR A 288 4.33 8.73 -16.83
CA THR A 288 5.27 9.37 -15.90
C THR A 288 6.62 8.67 -16.00
N THR A 289 7.70 9.43 -15.87
CA THR A 289 9.04 8.85 -15.93
C THR A 289 9.21 7.93 -14.72
N ASP A 290 9.39 6.64 -14.97
CA ASP A 290 9.55 5.64 -13.92
C ASP A 290 8.30 5.45 -13.05
N GLY A 291 7.15 5.48 -13.70
CA GLY A 291 5.88 5.25 -13.02
C GLY A 291 5.79 3.74 -13.08
N LEU A 292 5.96 3.07 -11.94
CA LEU A 292 5.98 1.62 -11.90
C LEU A 292 4.68 0.84 -11.84
N GLY A 293 3.65 1.39 -11.19
CA GLY A 293 2.43 0.63 -11.14
C GLY A 293 1.33 1.14 -10.26
N VAL A 294 0.31 0.30 -10.11
CA VAL A 294 -0.86 0.62 -9.33
C VAL A 294 -1.30 -0.59 -8.55
N TYR A 295 -1.67 -0.37 -7.29
CA TYR A 295 -2.18 -1.45 -6.45
C TYR A 295 -3.57 -1.06 -5.98
N TYR A 296 -4.56 -1.88 -6.32
CA TYR A 296 -5.93 -1.61 -5.89
C TYR A 296 -5.97 -2.01 -4.43
N TRP A 297 -6.70 -1.26 -3.60
CA TRP A 297 -6.75 -1.60 -2.19
C TRP A 297 -7.96 -2.43 -1.78
N GLU A 298 -7.69 -3.64 -1.29
CA GLU A 298 -8.74 -4.55 -0.81
C GLU A 298 -9.93 -4.75 -1.74
N PRO A 299 -9.67 -5.24 -2.96
CA PRO A 299 -10.75 -5.47 -3.93
C PRO A 299 -11.74 -6.59 -3.59
N ALA A 300 -11.37 -7.44 -2.64
CA ALA A 300 -12.23 -8.57 -2.28
C ALA A 300 -12.68 -8.63 -0.83
N TRP A 301 -12.66 -7.50 -0.14
CA TRP A 301 -13.07 -7.48 1.27
C TRP A 301 -14.59 -7.56 1.48
N ILE A 302 -15.17 -8.73 1.25
CA ILE A 302 -16.62 -8.89 1.43
C ILE A 302 -16.95 -8.57 2.88
N GLY A 303 -18.01 -7.81 3.10
CA GLY A 303 -18.38 -7.43 4.45
C GLY A 303 -17.93 -6.04 4.85
N ASN A 304 -17.08 -5.45 4.02
CA ASN A 304 -16.57 -4.09 4.24
C ASN A 304 -16.46 -3.47 2.85
N ALA A 305 -17.52 -3.65 2.05
CA ALA A 305 -17.55 -3.14 0.69
C ALA A 305 -17.25 -1.67 0.52
N GLY A 306 -17.57 -0.86 1.53
CA GLY A 306 -17.31 0.56 1.45
C GLY A 306 -15.84 0.90 1.64
N LEU A 307 -15.12 -0.02 2.26
CA LEU A 307 -13.69 0.13 2.52
C LEU A 307 -13.31 1.42 3.24
N GLY A 308 -14.17 1.85 4.16
CA GLY A 308 -13.89 3.06 4.92
C GLY A 308 -14.28 4.40 4.31
N SER A 309 -14.85 4.37 3.10
CA SER A 309 -15.26 5.60 2.43
C SER A 309 -16.75 5.85 2.63
N SER A 310 -17.22 6.96 2.08
CA SER A 310 -18.63 7.32 2.17
C SER A 310 -19.42 6.62 1.06
N CYS A 311 -18.71 5.90 0.19
CA CYS A 311 -19.38 5.19 -0.89
C CYS A 311 -19.89 3.85 -0.42
N ALA A 312 -20.84 3.29 -1.18
CA ALA A 312 -21.43 2.02 -0.82
C ALA A 312 -20.62 0.78 -1.14
N ASP A 313 -19.98 0.76 -2.30
CA ASP A 313 -19.25 -0.44 -2.70
C ASP A 313 -18.05 -0.14 -3.59
N ASN A 314 -16.86 -0.48 -3.10
CA ASN A 314 -15.62 -0.26 -3.84
C ASN A 314 -14.95 -1.57 -4.21
N LEU A 315 -15.61 -2.69 -3.92
CA LEU A 315 -15.06 -3.99 -4.21
C LEU A 315 -14.97 -4.30 -5.70
N MET A 316 -14.21 -5.33 -6.03
CA MET A 316 -14.08 -5.77 -7.41
C MET A 316 -14.67 -7.19 -7.51
N VAL A 317 -15.43 -7.56 -6.49
CA VAL A 317 -16.08 -8.87 -6.44
C VAL A 317 -17.54 -8.68 -6.04
N ASP A 318 -18.41 -9.58 -6.51
CA ASP A 318 -19.83 -9.48 -6.20
C ASP A 318 -20.09 -9.98 -4.77
N TYR A 319 -20.58 -9.10 -3.93
CA TYR A 319 -20.86 -9.42 -2.54
C TYR A 319 -21.97 -10.44 -2.33
N THR A 320 -22.61 -10.87 -3.42
CA THR A 320 -23.66 -11.87 -3.28
C THR A 320 -23.21 -13.21 -3.86
N THR A 321 -22.67 -13.18 -5.06
CA THR A 321 -22.21 -14.39 -5.74
C THR A 321 -20.78 -14.80 -5.41
N ASP A 322 -20.05 -13.93 -4.73
CA ASP A 322 -18.66 -14.22 -4.40
C ASP A 322 -17.84 -14.26 -5.71
N GLU A 323 -18.46 -13.91 -6.82
CA GLU A 323 -17.78 -13.92 -8.12
C GLU A 323 -17.09 -12.59 -8.44
N VAL A 324 -15.85 -12.68 -8.92
CA VAL A 324 -15.07 -11.49 -9.26
C VAL A 324 -15.63 -10.79 -10.47
N TYR A 325 -15.49 -9.46 -10.50
CA TYR A 325 -15.96 -8.67 -11.62
C TYR A 325 -14.91 -8.69 -12.73
N GLU A 326 -15.36 -8.32 -13.92
CA GLU A 326 -14.51 -8.26 -15.10
C GLU A 326 -13.41 -7.22 -14.94
N SER A 327 -13.58 -6.33 -13.95
CA SER A 327 -12.58 -5.29 -13.71
C SER A 327 -11.25 -5.87 -13.23
N ILE A 328 -11.26 -7.09 -12.71
CA ILE A 328 -10.02 -7.72 -12.27
C ILE A 328 -9.11 -7.93 -13.49
N GLU A 329 -9.72 -8.25 -14.63
CA GLU A 329 -8.98 -8.46 -15.86
C GLU A 329 -8.40 -7.13 -16.31
N THR A 330 -9.18 -6.07 -16.15
CA THR A 330 -8.72 -4.74 -16.54
C THR A 330 -7.49 -4.35 -15.70
N LEU A 331 -7.56 -4.60 -14.40
CA LEU A 331 -6.44 -4.28 -13.51
C LEU A 331 -5.23 -5.13 -13.88
N GLY A 332 -5.48 -6.41 -14.13
CA GLY A 332 -4.41 -7.31 -14.49
C GLY A 332 -3.71 -6.97 -15.80
N GLU A 333 -4.40 -6.23 -16.67
CA GLU A 333 -3.83 -5.86 -17.96
C GLU A 333 -3.41 -4.39 -18.06
N LEU A 334 -3.35 -3.69 -16.95
CA LEU A 334 -2.97 -2.28 -17.00
C LEU A 334 -1.54 -2.13 -17.53
#